data_5NB2
#
_entry.id   5NB2
#
_cell.length_a   94.330
_cell.length_b   94.330
_cell.length_c   225.618
_cell.angle_alpha   90.000
_cell.angle_beta   90.000
_cell.angle_gamma   90.000
#
_symmetry.space_group_name_H-M   'I 4 2 2'
#
loop_
_entity.id
_entity.type
_entity.pdbx_description
1 polymer 'Collagen alpha-2(IV) chain'
2 water water
#
_entity_poly.entity_id   1
_entity_poly.type   'polypeptide(L)'
_entity_poly.pdbx_seq_one_letter_code
;SVSIGYLLVKHSQTDQEPMCPVGMNKLWSGYSLLYFEGQEKAHNQDLGLAGSCLARFSTMPFLYCNPGDVCYYASRNDKS
YWLSTTAPLPMMPVAEDEIKPYISRCSVCEAPAIAIAVHSQDVSIPHCPAGWRSLWIGYSFLMHTAAGDEGGGQSLVSPG
SCLEDFRATPFIECNGGRGTCHYYANKYSFWLTTIPEQSFQGSPSADTLKAGLIRTHISRCQVCMKNL
;
_entity_poly.pdbx_strand_id   A,B
#
# COMPACT_ATOMS: atom_id res chain seq x y z
N SER A 3 21.97 14.20 9.03
CA SER A 3 21.15 15.29 9.65
C SER A 3 20.60 14.89 11.02
N ILE A 4 20.15 15.90 11.77
CA ILE A 4 19.42 15.70 13.03
C ILE A 4 17.97 16.18 12.86
N GLY A 5 17.34 15.73 11.78
CA GLY A 5 15.93 15.99 11.51
C GLY A 5 15.07 15.07 12.34
N TYR A 6 14.85 15.47 13.60
CA TYR A 6 13.96 14.74 14.51
C TYR A 6 12.52 14.80 13.99
N LEU A 7 12.21 15.86 13.23
CA LEU A 7 10.89 16.02 12.64
C LEU A 7 10.88 15.44 11.24
N LEU A 8 9.95 14.52 11.02
CA LEU A 8 9.73 13.94 9.70
C LEU A 8 8.40 14.49 9.22
N VAL A 9 8.35 14.97 7.99
CA VAL A 9 7.12 15.45 7.38
C VAL A 9 6.64 14.45 6.35
N LYS A 10 5.37 14.10 6.44
CA LYS A 10 4.75 13.17 5.51
C LYS A 10 3.68 13.93 4.75
N HIS A 11 3.76 13.93 3.42
CA HIS A 11 2.74 14.57 2.57
C HIS A 11 1.91 13.49 1.89
N SER A 12 0.58 13.58 2.03
CA SER A 12 -0.31 12.54 1.51
C SER A 12 -0.58 12.64 0.01
N GLN A 13 -0.48 13.85 -0.57
CA GLN A 13 -0.98 14.11 -1.94
C GLN A 13 -2.43 13.64 -2.14
N THR A 14 -3.22 13.75 -1.07
CA THR A 14 -4.66 13.50 -1.06
C THR A 14 -5.31 14.50 -0.12
N ASP A 15 -6.63 14.56 -0.10
CA ASP A 15 -7.31 15.43 0.87
C ASP A 15 -7.52 14.78 2.25
N GLN A 16 -6.77 13.70 2.53
CA GLN A 16 -6.78 13.06 3.83
C GLN A 16 -5.43 13.22 4.50
N GLU A 17 -5.50 13.51 5.80
CA GLU A 17 -4.34 13.64 6.68
C GLU A 17 -3.64 12.28 6.77
N PRO A 18 -2.31 12.23 6.52
CA PRO A 18 -1.59 10.96 6.61
C PRO A 18 -1.35 10.55 8.06
N MET A 19 -1.38 9.25 8.34
CA MET A 19 -1.02 8.78 9.67
C MET A 19 0.50 8.80 9.81
N CYS A 20 0.98 9.25 10.98
CA CYS A 20 2.39 9.12 11.33
C CYS A 20 2.72 7.64 11.44
N PRO A 21 3.95 7.24 11.08
CA PRO A 21 4.31 5.83 11.24
C PRO A 21 4.31 5.40 12.71
N VAL A 22 4.11 4.09 12.94
CA VAL A 22 4.01 3.57 14.28
C VAL A 22 5.33 3.84 14.98
N GLY A 23 5.26 4.28 16.23
CA GLY A 23 6.44 4.64 17.01
C GLY A 23 6.81 6.12 16.91
N MET A 24 5.97 6.91 16.25
CA MET A 24 6.21 8.34 16.13
C MET A 24 4.98 9.10 16.60
N ASN A 25 5.21 10.09 17.44
CA ASN A 25 4.19 11.03 17.84
C ASN A 25 3.89 11.97 16.68
N LYS A 26 2.61 12.12 16.36
CA LYS A 26 2.14 13.26 15.60
C LYS A 26 2.42 14.50 16.43
N LEU A 27 3.14 15.46 15.85
CA LEU A 27 3.31 16.78 16.47
C LEU A 27 2.19 17.70 16.05
N TRP A 28 1.95 17.78 14.73
CA TRP A 28 0.78 18.44 14.20
C TRP A 28 0.50 18.03 12.75
N SER A 29 -0.68 18.41 12.29
CA SER A 29 -1.16 18.16 10.94
C SER A 29 -1.56 19.47 10.27
N GLY A 30 -1.72 19.41 8.95
CA GLY A 30 -2.14 20.57 8.19
C GLY A 30 -2.08 20.40 6.68
N TYR A 31 -1.54 21.41 6.00
CA TYR A 31 -1.60 21.49 4.55
C TYR A 31 -0.21 21.66 3.98
N SER A 32 0.01 21.08 2.81
CA SER A 32 1.34 20.98 2.22
C SER A 32 1.76 22.27 1.52
N LEU A 33 2.52 23.10 2.23
CA LEU A 33 2.98 24.41 1.74
C LEU A 33 4.39 24.31 1.18
N LEU A 34 4.58 24.95 0.02
CA LEU A 34 5.90 25.10 -0.61
C LEU A 34 6.49 26.42 -0.10
N TYR A 35 5.86 27.55 -0.42
CA TYR A 35 6.21 28.86 0.16
C TYR A 35 5.17 29.94 -0.16
N PHE A 36 5.26 31.07 0.55
CA PHE A 36 4.54 32.31 0.21
C PHE A 36 5.49 33.27 -0.50
N GLU A 37 4.99 33.98 -1.52
CA GLU A 37 5.78 34.99 -2.20
C GLU A 37 6.19 36.10 -1.24
N GLN A 45 11.22 26.04 -0.48
CA GLN A 45 11.72 25.34 0.70
C GLN A 45 11.67 23.80 0.53
N ASP A 46 12.33 23.10 1.45
CA ASP A 46 12.39 21.65 1.45
C ASP A 46 11.05 21.10 1.95
N LEU A 47 10.44 20.22 1.17
CA LEU A 47 9.24 19.49 1.60
C LEU A 47 9.48 18.56 2.80
N GLY A 48 10.75 18.27 3.10
CA GLY A 48 11.12 17.50 4.27
C GLY A 48 11.21 18.24 5.58
N LEU A 49 11.12 19.57 5.56
CA LEU A 49 11.16 20.38 6.77
C LEU A 49 9.78 20.73 7.29
N ALA A 50 9.69 20.95 8.60
CA ALA A 50 8.43 21.21 9.28
C ALA A 50 7.65 22.44 8.78
N GLY A 51 8.36 23.42 8.24
CA GLY A 51 7.75 24.60 7.61
C GLY A 51 6.89 24.27 6.40
N SER A 52 7.13 23.11 5.77
CA SER A 52 6.30 22.67 4.67
C SER A 52 4.91 22.18 5.10
N CYS A 53 4.66 22.09 6.42
CA CYS A 53 3.33 21.69 6.93
C CYS A 53 2.65 22.77 7.79
N LEU A 54 1.72 23.49 7.16
CA LEU A 54 1.04 24.61 7.78
C LEU A 54 -0.31 24.15 8.31
N ALA A 55 -0.62 24.48 9.56
CA ALA A 55 -1.82 23.96 10.24
C ALA A 55 -3.11 24.18 9.46
N ARG A 56 -3.34 25.41 9.01
CA ARG A 56 -4.58 25.76 8.31
C ARG A 56 -4.26 26.40 6.97
N PHE A 57 -5.01 26.01 5.95
CA PHE A 57 -4.87 26.58 4.62
C PHE A 57 -5.27 28.03 4.66
N SER A 58 -4.42 28.87 4.08
CA SER A 58 -4.70 30.29 3.91
C SER A 58 -3.86 30.85 2.78
N THR A 59 -4.48 31.63 1.90
CA THR A 59 -3.78 32.34 0.83
C THR A 59 -3.27 33.73 1.27
N MET A 60 -3.82 34.24 2.37
CA MET A 60 -3.42 35.55 2.93
C MET A 60 -3.30 35.43 4.46
N PRO A 61 -2.19 34.84 4.94
CA PRO A 61 -1.98 34.51 6.33
C PRO A 61 -1.31 35.57 7.21
N PHE A 62 -0.84 36.67 6.62
CA PHE A 62 -0.05 37.66 7.35
C PHE A 62 -0.80 38.94 7.63
N LEU A 63 -0.38 39.61 8.69
CA LEU A 63 -0.94 40.88 9.11
C LEU A 63 0.20 41.86 9.41
N TYR A 64 0.12 43.04 8.82
CA TYR A 64 1.09 44.12 8.99
C TYR A 64 0.45 45.17 9.87
N CYS A 65 1.26 45.79 10.73
CA CYS A 65 0.81 46.85 11.64
C CYS A 65 1.70 48.08 11.55
N ASN A 66 1.13 49.20 11.08
CA ASN A 66 1.82 50.49 11.10
C ASN A 66 1.91 51.02 12.55
N PRO A 67 2.81 51.98 12.83
CA PRO A 67 2.95 52.47 14.21
C PRO A 67 1.68 53.17 14.71
N GLY A 68 0.84 52.40 15.40
CA GLY A 68 -0.49 52.83 15.81
C GLY A 68 -1.49 51.67 15.72
N ASP A 69 -2.75 51.98 15.93
CA ASP A 69 -3.83 50.97 15.93
C ASP A 69 -4.17 50.42 14.54
N VAL A 70 -3.73 51.08 13.47
CA VAL A 70 -4.05 50.65 12.10
C VAL A 70 -3.22 49.44 11.67
N CYS A 71 -3.83 48.25 11.71
CA CYS A 71 -3.23 47.01 11.23
C CYS A 71 -4.01 46.50 10.02
N TYR A 72 -3.30 46.12 8.96
CA TYR A 72 -3.93 45.62 7.72
C TYR A 72 -3.33 44.28 7.27
N TYR A 73 -4.03 43.63 6.34
CA TYR A 73 -3.62 42.32 5.81
C TYR A 73 -2.56 42.50 4.73
N ALA A 74 -1.43 41.83 4.89
CA ALA A 74 -0.33 41.93 3.91
C ALA A 74 -0.80 41.41 2.55
N SER A 75 -1.01 42.34 1.62
CA SER A 75 -1.67 42.08 0.34
C SER A 75 -0.81 42.39 -0.91
N ARG A 76 0.48 42.71 -0.72
CA ARG A 76 1.36 43.06 -1.83
C ARG A 76 1.84 41.82 -2.56
N ASN A 77 2.44 40.89 -1.81
CA ASN A 77 2.96 39.64 -2.38
C ASN A 77 1.88 38.54 -2.34
N ASP A 78 0.83 38.73 -3.14
CA ASP A 78 -0.39 37.90 -3.11
C ASP A 78 -0.22 36.37 -3.30
N LYS A 79 0.89 35.91 -3.89
CA LYS A 79 1.02 34.51 -4.32
C LYS A 79 1.51 33.50 -3.27
N SER A 80 0.89 32.33 -3.26
CA SER A 80 1.29 31.21 -2.43
C SER A 80 1.33 29.92 -3.26
N TYR A 81 2.17 28.99 -2.82
CA TYR A 81 2.44 27.76 -3.57
C TYR A 81 2.34 26.55 -2.65
N TRP A 82 1.64 25.51 -3.14
CA TRP A 82 1.21 24.37 -2.34
C TRP A 82 1.35 23.07 -3.13
N LEU A 83 1.58 21.97 -2.44
CA LEU A 83 1.58 20.65 -3.09
C LEU A 83 0.14 20.19 -3.35
N SER A 84 -0.14 19.77 -4.57
CA SER A 84 -1.49 19.35 -4.97
C SER A 84 -1.77 17.88 -4.64
N THR A 85 -3.05 17.52 -4.65
CA THR A 85 -3.48 16.14 -4.54
C THR A 85 -3.37 15.46 -5.89
N THR A 86 -3.54 14.13 -5.88
CA THR A 86 -3.61 13.35 -7.11
C THR A 86 -4.87 13.62 -7.92
N ALA A 87 -5.94 14.08 -7.28
CA ALA A 87 -7.21 14.33 -7.96
C ALA A 87 -7.06 15.48 -8.96
N PRO A 88 -7.43 15.25 -10.23
CA PRO A 88 -7.14 16.24 -11.25
C PRO A 88 -7.90 17.56 -10.99
N LEU A 89 -7.20 18.68 -11.21
CA LEU A 89 -7.79 20.00 -11.10
C LEU A 89 -8.62 20.21 -12.36
N PRO A 90 -9.86 20.75 -12.24
CA PRO A 90 -10.64 21.00 -13.46
C PRO A 90 -9.96 21.95 -14.46
N MET A 91 -10.33 21.84 -15.74
CA MET A 91 -9.76 22.66 -16.80
C MET A 91 -10.34 24.08 -16.81
N MET A 92 -10.08 24.81 -15.72
CA MET A 92 -10.62 26.15 -15.47
C MET A 92 -10.17 26.56 -14.06
N PRO A 93 -9.55 27.75 -13.90
CA PRO A 93 -9.08 28.17 -12.56
C PRO A 93 -10.17 28.16 -11.48
N VAL A 94 -9.78 27.70 -10.29
CA VAL A 94 -10.69 27.45 -9.17
C VAL A 94 -10.60 28.57 -8.16
N ALA A 95 -11.76 29.05 -7.68
CA ALA A 95 -11.81 30.02 -6.60
C ALA A 95 -11.16 29.47 -5.32
N GLU A 96 -10.52 30.34 -4.53
CA GLU A 96 -9.84 29.94 -3.29
C GLU A 96 -10.74 29.21 -2.28
N ASP A 97 -12.05 29.52 -2.28
CA ASP A 97 -13.03 28.80 -1.43
C ASP A 97 -13.28 27.34 -1.81
N GLU A 98 -13.02 26.97 -3.07
CA GLU A 98 -13.21 25.59 -3.53
C GLU A 98 -11.89 24.84 -3.75
N ILE A 99 -10.76 25.42 -3.33
CA ILE A 99 -9.43 24.85 -3.61
C ILE A 99 -8.95 23.75 -2.64
N LYS A 100 -9.45 23.76 -1.39
CA LYS A 100 -8.99 22.81 -0.35
C LYS A 100 -8.91 21.33 -0.75
N PRO A 101 -9.96 20.80 -1.41
CA PRO A 101 -9.91 19.40 -1.91
C PRO A 101 -8.70 19.04 -2.78
N TYR A 102 -8.07 20.04 -3.39
CA TYR A 102 -6.96 19.84 -4.32
C TYR A 102 -5.59 20.11 -3.68
N ILE A 103 -5.57 20.51 -2.39
CA ILE A 103 -4.35 20.76 -1.63
C ILE A 103 -3.96 19.50 -0.83
N SER A 104 -2.71 19.09 -0.90
CA SER A 104 -2.21 17.94 -0.15
C SER A 104 -2.20 18.20 1.36
N ARG A 105 -2.45 17.15 2.13
CA ARG A 105 -2.39 17.21 3.59
C ARG A 105 -1.06 16.63 4.04
N CYS A 106 -0.69 16.95 5.27
CA CYS A 106 0.59 16.53 5.79
C CYS A 106 0.52 16.35 7.27
N SER A 107 1.48 15.61 7.79
CA SER A 107 1.65 15.47 9.22
C SER A 107 3.11 15.62 9.55
N VAL A 108 3.38 16.15 10.74
CA VAL A 108 4.74 16.20 11.28
C VAL A 108 4.87 15.19 12.42
N CYS A 109 5.90 14.35 12.34
CA CYS A 109 6.04 13.18 13.21
C CYS A 109 7.37 13.23 13.92
N GLU A 110 7.38 12.74 15.17
CA GLU A 110 8.53 12.79 16.05
C GLU A 110 9.40 11.56 15.84
N ALA A 111 10.25 11.62 14.81
CA ALA A 111 11.20 10.55 14.52
C ALA A 111 12.22 10.39 15.67
N PRO A 112 12.42 9.15 16.15
CA PRO A 112 13.46 8.86 17.16
C PRO A 112 14.87 8.61 16.55
N ALA A 113 14.94 8.38 15.24
CA ALA A 113 16.20 8.09 14.57
C ALA A 113 16.24 8.84 13.25
N ILE A 114 17.36 8.75 12.55
CA ILE A 114 17.50 9.44 11.28
C ILE A 114 16.76 8.74 10.14
N ALA A 115 16.19 9.55 9.26
CA ALA A 115 15.53 9.05 8.07
C ALA A 115 16.29 9.57 6.87
N ILE A 116 16.32 8.80 5.79
CA ILE A 116 17.01 9.18 4.57
C ILE A 116 16.19 8.69 3.41
N ALA A 117 16.30 9.40 2.29
CA ALA A 117 15.75 8.96 1.04
C ALA A 117 16.87 8.33 0.23
N VAL A 118 16.60 7.16 -0.34
CA VAL A 118 17.51 6.53 -1.27
C VAL A 118 16.80 6.47 -2.61
N HIS A 119 17.57 6.58 -3.69
CA HIS A 119 17.04 6.72 -5.04
C HIS A 119 17.72 5.73 -5.99
N SER A 120 16.94 5.12 -6.89
CA SER A 120 17.46 4.09 -7.77
C SER A 120 17.91 4.58 -9.14
N GLN A 121 17.30 5.66 -9.63
CA GLN A 121 17.35 6.05 -11.05
C GLN A 121 16.95 4.86 -11.94
N ASP A 122 15.92 4.13 -11.51
CA ASP A 122 15.41 2.94 -12.19
C ASP A 122 13.93 2.71 -11.86
N VAL A 123 13.28 1.81 -12.60
CA VAL A 123 11.90 1.37 -12.29
C VAL A 123 11.81 0.57 -10.97
N SER A 124 12.91 -0.06 -10.59
CA SER A 124 12.98 -0.78 -9.32
C SER A 124 13.12 0.18 -8.14
N ILE A 125 12.42 -0.14 -7.06
CA ILE A 125 12.56 0.50 -5.75
C ILE A 125 13.95 0.18 -5.21
N PRO A 126 14.69 1.19 -4.71
CA PRO A 126 15.94 0.88 -4.03
C PRO A 126 15.68 0.25 -2.67
N HIS A 127 16.56 -0.63 -2.23
CA HIS A 127 16.37 -1.32 -0.95
C HIS A 127 16.79 -0.45 0.21
N CYS A 128 16.11 -0.58 1.33
CA CYS A 128 16.55 0.06 2.57
C CYS A 128 17.80 -0.68 3.05
N PRO A 129 18.73 0.06 3.67
CA PRO A 129 19.86 -0.63 4.28
C PRO A 129 19.42 -1.66 5.34
N ALA A 130 20.28 -2.65 5.54
CA ALA A 130 20.05 -3.69 6.52
C ALA A 130 19.76 -3.04 7.87
N GLY A 131 18.73 -3.54 8.56
CA GLY A 131 18.32 -3.00 9.86
C GLY A 131 17.55 -1.70 9.84
N TRP A 132 17.28 -1.15 8.65
CA TRP A 132 16.47 0.06 8.54
C TRP A 132 15.08 -0.35 8.07
N ARG A 133 14.10 0.43 8.49
CA ARG A 133 12.71 0.16 8.21
C ARG A 133 12.17 1.15 7.13
N SER A 134 11.43 0.62 6.18
CA SER A 134 10.81 1.40 5.14
C SER A 134 9.66 2.21 5.71
N LEU A 135 9.62 3.49 5.39
CA LEU A 135 8.54 4.38 5.82
C LEU A 135 7.53 4.60 4.71
N TRP A 136 8.02 4.91 3.52
CA TRP A 136 7.21 4.93 2.31
C TRP A 136 8.08 4.83 1.07
N ILE A 137 7.42 4.59 -0.07
CA ILE A 137 8.06 4.52 -1.37
C ILE A 137 7.47 5.60 -2.25
N GLY A 138 8.19 5.99 -3.28
CA GLY A 138 7.75 7.10 -4.09
C GLY A 138 8.57 7.31 -5.33
N TYR A 139 8.51 8.54 -5.83
CA TYR A 139 9.15 8.93 -7.07
C TYR A 139 10.14 10.04 -6.77
N SER A 140 11.30 10.03 -7.43
CA SER A 140 12.38 10.97 -7.15
C SER A 140 12.11 12.39 -7.71
N PHE A 141 12.00 13.35 -6.80
CA PHE A 141 11.69 14.73 -7.13
C PHE A 141 12.77 15.66 -6.57
N LEU A 142 13.35 16.49 -7.43
CA LEU A 142 14.40 17.42 -7.01
C LEU A 142 13.95 18.86 -7.24
N MET A 143 14.10 19.70 -6.23
CA MET A 143 13.67 21.09 -6.26
C MET A 143 14.85 22.06 -6.21
N HIS A 144 14.63 23.29 -6.67
CA HIS A 144 15.62 24.38 -6.62
C HIS A 144 16.24 24.57 -5.24
N SER A 155 20.31 17.16 -0.46
CA SER A 155 18.89 17.35 -0.77
C SER A 155 18.21 16.13 -1.39
N LEU A 156 18.96 15.26 -2.03
CA LEU A 156 18.41 14.02 -2.51
C LEU A 156 18.32 13.03 -1.36
N VAL A 157 19.10 13.27 -0.33
CA VAL A 157 19.13 12.47 0.86
C VAL A 157 17.96 12.74 1.74
N SER A 158 17.37 13.89 1.56
CA SER A 158 16.21 14.28 2.28
C SER A 158 14.96 13.57 1.82
N PRO A 159 14.03 13.31 2.74
CA PRO A 159 12.73 12.67 2.58
C PRO A 159 11.77 13.48 1.72
N GLY A 160 11.98 14.77 1.61
CA GLY A 160 11.29 15.69 0.76
C GLY A 160 11.46 15.42 -0.71
N SER A 161 12.52 14.76 -1.11
CA SER A 161 12.76 14.40 -2.46
C SER A 161 12.03 13.12 -2.87
N CYS A 162 11.24 12.56 -1.99
CA CYS A 162 10.55 11.31 -2.30
C CYS A 162 9.04 11.43 -2.10
N LEU A 163 8.31 11.69 -3.17
CA LEU A 163 6.87 11.89 -3.15
C LEU A 163 6.15 10.62 -3.54
N GLU A 164 5.07 10.29 -2.83
CA GLU A 164 4.41 9.01 -3.03
C GLU A 164 3.86 8.88 -4.45
N ASP A 165 3.18 9.91 -4.93
CA ASP A 165 2.63 9.91 -6.27
C ASP A 165 3.39 10.83 -7.19
N PHE A 166 3.60 10.37 -8.41
CA PHE A 166 4.10 11.21 -9.49
C PHE A 166 2.94 12.04 -10.07
N ARG A 167 3.20 13.33 -10.26
CA ARG A 167 2.28 14.26 -10.92
C ARG A 167 3.12 15.11 -11.87
N ALA A 168 2.65 15.28 -13.11
CA ALA A 168 3.37 16.09 -14.09
C ALA A 168 3.62 17.48 -13.51
N THR A 169 2.53 18.13 -13.09
CA THR A 169 2.61 19.41 -12.40
C THR A 169 2.16 19.24 -10.93
N PRO A 170 3.11 18.93 -10.03
CA PRO A 170 2.74 18.57 -8.66
C PRO A 170 2.24 19.71 -7.77
N PHE A 171 2.45 20.97 -8.19
CA PHE A 171 2.12 22.15 -7.39
C PHE A 171 1.01 22.99 -7.97
N ILE A 172 0.34 23.74 -7.10
CA ILE A 172 -0.57 24.78 -7.55
C ILE A 172 -0.14 26.13 -7.00
N GLU A 173 -0.47 27.18 -7.76
CA GLU A 173 -0.25 28.58 -7.40
C GLU A 173 -1.61 29.18 -7.10
N CYS A 174 -1.70 30.00 -6.06
CA CYS A 174 -2.94 30.71 -5.70
C CYS A 174 -2.66 32.19 -5.64
N ASN A 175 -3.62 33.00 -6.08
CA ASN A 175 -3.49 34.45 -6.10
C ASN A 175 -4.49 35.03 -5.11
N GLY A 176 -3.99 35.56 -3.98
CA GLY A 176 -4.85 36.07 -2.91
C GLY A 176 -5.80 37.18 -3.33
N GLY A 177 -5.26 38.14 -4.07
CA GLY A 177 -6.03 39.26 -4.60
C GLY A 177 -6.98 38.79 -5.68
N ARG A 178 -6.49 37.93 -6.57
CA ARG A 178 -7.30 37.39 -7.68
C ARG A 178 -8.27 36.30 -7.18
N GLY A 179 -8.03 35.76 -5.98
CA GLY A 179 -8.90 34.78 -5.35
C GLY A 179 -9.05 33.46 -6.10
N THR A 180 -8.05 33.11 -6.90
CA THR A 180 -8.11 31.96 -7.81
C THR A 180 -6.82 31.14 -7.77
N CYS A 181 -6.92 29.87 -8.18
CA CYS A 181 -5.80 28.93 -8.11
C CYS A 181 -5.73 28.01 -9.32
N HIS A 182 -4.50 27.59 -9.65
CA HIS A 182 -4.23 26.75 -10.83
C HIS A 182 -2.85 26.13 -10.73
N TYR A 183 -2.56 25.15 -11.59
CA TYR A 183 -1.27 24.47 -11.62
C TYR A 183 -0.11 25.40 -11.96
N TYR A 184 1.08 25.08 -11.43
CA TYR A 184 2.24 25.97 -11.48
C TYR A 184 3.41 25.33 -12.24
N ALA A 185 3.86 26.00 -13.30
CA ALA A 185 4.98 25.53 -14.11
C ALA A 185 6.32 26.02 -13.54
N ASN A 186 6.91 25.25 -12.63
CA ASN A 186 8.20 25.64 -12.02
C ASN A 186 9.35 25.43 -13.02
N LYS A 187 10.10 26.50 -13.26
CA LYS A 187 11.27 26.47 -14.14
C LYS A 187 12.45 25.65 -13.59
N TYR A 188 12.56 25.57 -12.26
CA TYR A 188 13.77 25.08 -11.60
C TYR A 188 13.69 23.67 -10.95
N SER A 189 12.49 23.13 -10.76
CA SER A 189 12.28 21.84 -10.10
C SER A 189 12.00 20.71 -11.12
N PHE A 190 12.66 19.56 -10.96
CA PHE A 190 12.60 18.45 -11.91
C PHE A 190 12.32 17.10 -11.23
N TRP A 191 12.06 16.07 -12.03
CA TRP A 191 12.01 14.69 -11.56
C TRP A 191 13.27 14.00 -12.03
N LEU A 192 13.83 13.15 -11.19
CA LEU A 192 14.95 12.32 -11.58
C LEU A 192 14.42 11.23 -12.52
N THR A 193 15.19 10.94 -13.56
CA THR A 193 14.79 9.99 -14.58
C THR A 193 15.42 8.62 -14.32
N THR A 194 15.02 7.64 -15.12
CA THR A 194 15.71 6.37 -15.18
C THR A 194 16.80 6.42 -16.24
N ILE A 195 17.80 5.56 -16.07
CA ILE A 195 19.06 5.62 -16.85
C ILE A 195 19.20 4.43 -17.81
N LEU A 213 2.65 5.03 -19.47
CA LEU A 213 4.05 4.89 -19.86
C LEU A 213 5.01 5.89 -19.18
N ILE A 214 4.54 7.09 -18.83
CA ILE A 214 5.45 8.16 -18.35
C ILE A 214 6.12 7.84 -17.00
N ARG A 215 5.35 7.28 -16.06
CA ARG A 215 5.89 6.84 -14.76
C ARG A 215 7.02 5.84 -14.89
N THR A 216 7.06 5.11 -16.00
CA THR A 216 8.13 4.17 -16.30
C THR A 216 9.51 4.83 -16.55
N HIS A 217 9.57 6.15 -16.70
CA HIS A 217 10.84 6.85 -16.88
C HIS A 217 11.28 7.69 -15.68
N ILE A 218 10.50 7.65 -14.59
CA ILE A 218 10.81 8.39 -13.39
C ILE A 218 11.51 7.46 -12.40
N SER A 219 12.61 7.96 -11.83
CA SER A 219 13.35 7.29 -10.77
C SER A 219 12.46 7.02 -9.55
N ARG A 220 12.64 5.86 -8.95
CA ARG A 220 11.94 5.47 -7.73
C ARG A 220 12.81 5.70 -6.53
N CYS A 221 12.17 5.94 -5.41
CA CYS A 221 12.84 6.12 -4.14
C CYS A 221 12.10 5.46 -2.99
N GLN A 222 12.83 5.32 -1.90
CA GLN A 222 12.26 4.83 -0.65
C GLN A 222 12.84 5.67 0.48
N VAL A 223 11.98 6.07 1.42
CA VAL A 223 12.40 6.73 2.62
C VAL A 223 12.58 5.64 3.68
N CYS A 224 13.74 5.63 4.33
CA CYS A 224 14.14 4.58 5.24
C CYS A 224 14.54 5.21 6.57
N MET A 225 14.28 4.49 7.66
CA MET A 225 14.63 4.96 8.99
C MET A 225 15.37 3.88 9.74
N LYS A 226 16.43 4.28 10.45
CA LYS A 226 17.26 3.33 11.20
C LYS A 226 16.57 2.99 12.51
N ASN A 227 16.72 1.75 12.96
CA ASN A 227 16.12 1.28 14.22
C ASN A 227 17.05 1.53 15.40
N GLY B 5 -2.13 -42.75 -0.53
CA GLY B 5 -1.04 -41.75 -0.73
C GLY B 5 -1.44 -40.60 -1.64
N TYR B 6 -1.80 -39.47 -1.04
CA TYR B 6 -2.22 -38.26 -1.78
C TYR B 6 -1.92 -36.98 -1.01
N LEU B 7 -1.66 -35.89 -1.73
CA LEU B 7 -1.24 -34.65 -1.09
C LEU B 7 -2.40 -33.70 -0.86
N LEU B 8 -2.49 -33.17 0.35
CA LEU B 8 -3.49 -32.18 0.72
C LEU B 8 -2.74 -30.92 1.16
N VAL B 9 -3.23 -29.77 0.67
CA VAL B 9 -2.65 -28.49 1.01
C VAL B 9 -3.68 -27.66 1.74
N LYS B 10 -3.28 -27.18 2.92
CA LYS B 10 -4.08 -26.28 3.75
C LYS B 10 -3.46 -24.89 3.62
N HIS B 11 -4.27 -23.89 3.27
CA HIS B 11 -3.83 -22.48 3.24
C HIS B 11 -4.44 -21.71 4.40
N SER B 12 -3.60 -21.20 5.29
CA SER B 12 -4.06 -20.46 6.48
C SER B 12 -4.78 -19.15 6.19
N GLN B 13 -4.39 -18.44 5.13
CA GLN B 13 -4.85 -17.08 4.87
C GLN B 13 -4.48 -16.12 6.03
N THR B 14 -3.35 -16.42 6.67
CA THR B 14 -2.79 -15.59 7.70
C THR B 14 -1.28 -15.78 7.64
N ASP B 15 -0.57 -14.87 8.29
CA ASP B 15 0.87 -15.02 8.61
C ASP B 15 1.20 -16.35 9.30
N GLN B 16 0.22 -16.91 10.01
CA GLN B 16 0.37 -18.20 10.70
C GLN B 16 0.43 -19.38 9.73
N GLU B 17 1.39 -20.26 10.00
CA GLU B 17 1.59 -21.51 9.31
C GLU B 17 0.56 -22.53 9.85
N PRO B 18 -0.03 -23.38 8.98
CA PRO B 18 -1.08 -24.28 9.48
C PRO B 18 -0.55 -25.64 9.97
N MET B 19 -1.13 -26.15 11.06
CA MET B 19 -0.83 -27.51 11.54
C MET B 19 -1.59 -28.53 10.68
N CYS B 20 -0.92 -29.62 10.29
CA CYS B 20 -1.58 -30.69 9.53
C CYS B 20 -2.55 -31.40 10.47
N PRO B 21 -3.74 -31.78 9.97
CA PRO B 21 -4.69 -32.54 10.79
C PRO B 21 -4.08 -33.80 11.41
N VAL B 22 -4.62 -34.21 12.55
CA VAL B 22 -4.07 -35.35 13.30
C VAL B 22 -4.17 -36.58 12.41
N GLY B 23 -3.10 -37.38 12.40
CA GLY B 23 -3.01 -38.57 11.54
C GLY B 23 -2.47 -38.35 10.13
N MET B 24 -2.00 -37.15 9.83
CA MET B 24 -1.40 -36.84 8.55
C MET B 24 0.01 -36.31 8.77
N ASN B 25 0.99 -36.97 8.18
CA ASN B 25 2.38 -36.51 8.25
C ASN B 25 2.49 -35.19 7.48
N LYS B 26 3.13 -34.20 8.10
CA LYS B 26 3.53 -32.98 7.38
C LYS B 26 4.70 -33.35 6.48
N LEU B 27 4.62 -32.93 5.21
CA LEU B 27 5.70 -33.10 4.23
C LEU B 27 6.58 -31.85 4.15
N TRP B 28 5.95 -30.68 4.00
CA TRP B 28 6.63 -29.38 4.12
C TRP B 28 5.63 -28.24 4.32
N SER B 29 6.13 -27.11 4.81
CA SER B 29 5.37 -25.85 4.85
C SER B 29 6.04 -24.83 3.95
N GLY B 30 5.34 -23.72 3.71
CA GLY B 30 5.84 -22.64 2.88
C GLY B 30 4.87 -21.49 2.76
N TYR B 31 4.82 -20.88 1.58
CA TYR B 31 3.99 -19.70 1.33
C TYR B 31 3.04 -20.03 0.19
N SER B 32 1.83 -19.46 0.27
CA SER B 32 0.77 -19.74 -0.69
C SER B 32 1.02 -19.05 -2.04
N LEU B 33 1.61 -19.80 -2.97
CA LEU B 33 1.84 -19.37 -4.35
C LEU B 33 0.63 -19.66 -5.24
N LEU B 34 0.36 -18.77 -6.19
CA LEU B 34 -0.59 -19.03 -7.26
C LEU B 34 0.20 -19.49 -8.48
N TYR B 35 1.03 -18.60 -9.02
CA TYR B 35 1.91 -18.91 -10.17
C TYR B 35 2.81 -17.71 -10.45
N PHE B 36 3.88 -17.95 -11.22
CA PHE B 36 4.71 -16.92 -11.79
C PHE B 36 4.37 -16.78 -13.25
N GLU B 37 4.53 -15.58 -13.81
CA GLU B 37 4.30 -15.36 -15.26
C GLU B 37 5.43 -15.95 -16.08
N GLN B 45 -3.05 -24.06 -12.11
CA GLN B 45 -2.68 -23.36 -10.88
C GLN B 45 -3.79 -23.43 -9.81
N ASP B 46 -3.99 -24.62 -9.25
CA ASP B 46 -5.03 -24.87 -8.26
C ASP B 46 -4.46 -24.77 -6.85
N LEU B 47 -5.19 -24.12 -5.94
CA LEU B 47 -4.76 -23.98 -4.54
C LEU B 47 -4.73 -25.30 -3.76
N GLY B 48 -5.42 -26.32 -4.28
CA GLY B 48 -5.36 -27.68 -3.76
C GLY B 48 -4.12 -28.51 -4.09
N LEU B 49 -3.33 -28.09 -5.08
CA LEU B 49 -2.12 -28.83 -5.47
C LEU B 49 -0.88 -28.39 -4.68
N ALA B 50 0.09 -29.30 -4.59
CA ALA B 50 1.31 -29.10 -3.80
C ALA B 50 2.19 -27.93 -4.25
N GLY B 51 2.14 -27.62 -5.54
CA GLY B 51 2.88 -26.51 -6.12
C GLY B 51 2.38 -25.12 -5.72
N SER B 52 1.18 -25.06 -5.15
CA SER B 52 0.69 -23.82 -4.50
C SER B 52 1.34 -23.55 -3.12
N CYS B 53 2.23 -24.44 -2.67
CA CYS B 53 2.98 -24.23 -1.44
C CYS B 53 4.46 -24.28 -1.81
N LEU B 54 5.15 -23.17 -1.52
CA LEU B 54 6.54 -22.96 -1.90
C LEU B 54 7.32 -22.66 -0.63
N ALA B 55 8.34 -23.45 -0.35
CA ALA B 55 9.11 -23.38 0.91
C ALA B 55 9.47 -21.97 1.36
N ARG B 56 10.25 -21.26 0.54
CA ARG B 56 10.71 -19.91 0.85
C ARG B 56 10.20 -18.93 -0.21
N PHE B 57 9.71 -17.78 0.26
CA PHE B 57 9.10 -16.74 -0.56
C PHE B 57 10.17 -16.03 -1.40
N SER B 58 9.89 -15.87 -2.70
CA SER B 58 10.75 -15.10 -3.58
C SER B 58 9.94 -14.57 -4.76
N THR B 59 10.16 -13.31 -5.14
CA THR B 59 9.58 -12.74 -6.38
C THR B 59 10.49 -12.94 -7.60
N MET B 60 11.71 -13.45 -7.39
CA MET B 60 12.66 -13.79 -8.46
C MET B 60 13.43 -15.07 -8.07
N PRO B 61 12.77 -16.25 -8.21
CA PRO B 61 13.29 -17.51 -7.69
C PRO B 61 14.21 -18.33 -8.59
N PHE B 62 14.40 -17.92 -9.84
CA PHE B 62 15.13 -18.74 -10.83
C PHE B 62 16.26 -18.01 -11.55
N LEU B 63 17.16 -18.79 -12.15
CA LEU B 63 18.30 -18.27 -12.91
C LEU B 63 17.91 -17.90 -14.33
N ASP B 78 8.36 -11.93 -15.03
CA ASP B 78 8.73 -11.00 -13.96
C ASP B 78 7.72 -11.04 -12.79
N LYS B 79 6.44 -11.08 -13.12
CA LYS B 79 5.38 -11.02 -12.11
C LYS B 79 5.17 -12.35 -11.35
N SER B 80 4.50 -12.24 -10.20
CA SER B 80 4.12 -13.40 -9.39
C SER B 80 2.83 -13.11 -8.64
N TYR B 81 2.11 -14.16 -8.25
CA TYR B 81 0.78 -14.04 -7.65
C TYR B 81 0.68 -14.96 -6.43
N TRP B 82 0.11 -14.44 -5.34
CA TRP B 82 0.11 -15.12 -4.02
C TRP B 82 -1.19 -14.87 -3.31
N LEU B 83 -1.57 -15.78 -2.43
CA LEU B 83 -2.79 -15.64 -1.66
C LEU B 83 -2.55 -14.68 -0.50
N SER B 84 -3.44 -13.70 -0.35
CA SER B 84 -3.29 -12.69 0.71
C SER B 84 -3.82 -13.21 2.04
N THR B 85 -3.42 -12.50 3.10
CA THR B 85 -3.87 -12.76 4.46
C THR B 85 -5.16 -12.00 4.75
N THR B 86 -5.75 -12.27 5.91
CA THR B 86 -6.86 -11.49 6.44
C THR B 86 -6.43 -10.07 6.84
N ALA B 87 -5.16 -9.92 7.21
CA ALA B 87 -4.59 -8.62 7.58
C ALA B 87 -4.47 -7.69 6.36
N PRO B 88 -5.18 -6.54 6.36
CA PRO B 88 -5.01 -5.56 5.27
C PRO B 88 -3.62 -4.95 5.16
N LEU B 89 -3.11 -4.91 3.93
CA LEU B 89 -2.00 -4.02 3.57
C LEU B 89 -2.55 -2.59 3.44
N PRO B 90 -1.68 -1.57 3.47
CA PRO B 90 -2.16 -0.18 3.25
C PRO B 90 -2.72 0.08 1.84
N MET B 91 -3.19 1.31 1.60
CA MET B 91 -3.87 1.69 0.35
C MET B 91 -3.00 1.50 -0.91
N MET B 92 -1.80 2.06 -0.88
CA MET B 92 -0.89 2.10 -2.04
C MET B 92 0.10 0.90 -2.05
N PRO B 93 0.85 0.72 -3.16
CA PRO B 93 1.86 -0.37 -3.27
C PRO B 93 2.95 -0.38 -2.18
N VAL B 94 3.54 -1.56 -1.99
CA VAL B 94 4.41 -1.89 -0.86
C VAL B 94 5.69 -2.56 -1.35
N ALA B 95 6.81 -2.28 -0.69
CA ALA B 95 8.10 -2.91 -1.02
C ALA B 95 8.07 -4.42 -0.84
N GLU B 96 8.87 -5.12 -1.63
CA GLU B 96 8.91 -6.59 -1.65
C GLU B 96 9.57 -7.18 -0.41
N ASP B 97 10.57 -6.49 0.12
CA ASP B 97 11.24 -6.88 1.37
C ASP B 97 10.33 -6.76 2.59
N GLU B 98 9.21 -6.03 2.47
CA GLU B 98 8.27 -5.79 3.55
C GLU B 98 7.06 -6.73 3.54
N ILE B 99 6.86 -7.44 2.43
CA ILE B 99 5.54 -8.02 2.12
C ILE B 99 5.18 -9.36 2.80
N LYS B 100 6.18 -10.10 3.29
CA LYS B 100 5.95 -11.43 3.90
C LYS B 100 4.76 -11.51 4.88
N PRO B 101 4.67 -10.58 5.86
CA PRO B 101 3.50 -10.48 6.74
C PRO B 101 2.12 -10.63 6.10
N TYR B 102 1.95 -10.13 4.88
CA TYR B 102 0.65 -10.18 4.19
C TYR B 102 0.45 -11.37 3.21
N ILE B 103 1.40 -12.30 3.16
CA ILE B 103 1.27 -13.51 2.31
C ILE B 103 0.78 -14.71 3.13
N SER B 104 -0.29 -15.36 2.66
CA SER B 104 -0.83 -16.58 3.30
C SER B 104 0.21 -17.70 3.37
N ARG B 105 0.24 -18.43 4.48
CA ARG B 105 1.13 -19.58 4.63
C ARG B 105 0.36 -20.87 4.35
N CYS B 106 1.10 -21.96 4.17
CA CYS B 106 0.52 -23.24 3.80
C CYS B 106 1.30 -24.42 4.35
N SER B 107 0.59 -25.55 4.49
CA SER B 107 1.20 -26.84 4.79
C SER B 107 0.65 -27.90 3.82
N VAL B 108 1.58 -28.82 3.47
CA VAL B 108 1.29 -29.93 2.60
C VAL B 108 1.36 -31.19 3.44
N CYS B 109 0.21 -31.86 3.54
CA CYS B 109 0.00 -32.97 4.45
C CYS B 109 -0.34 -34.21 3.63
N GLU B 110 0.28 -35.36 3.94
CA GLU B 110 -0.05 -36.60 3.23
C GLU B 110 -1.41 -37.12 3.70
N ALA B 111 -2.15 -37.68 2.75
CA ALA B 111 -3.52 -38.12 2.96
C ALA B 111 -3.55 -39.62 2.72
N PRO B 112 -3.95 -40.40 3.73
CA PRO B 112 -4.26 -41.80 3.45
C PRO B 112 -5.53 -41.98 2.61
N ALA B 113 -6.45 -41.01 2.63
CA ALA B 113 -7.74 -41.11 1.95
C ALA B 113 -8.07 -39.88 1.12
N ILE B 114 -8.94 -40.08 0.13
CA ILE B 114 -9.46 -38.99 -0.70
C ILE B 114 -10.11 -37.87 0.12
N ALA B 115 -10.05 -36.66 -0.42
CA ALA B 115 -10.59 -35.48 0.21
C ALA B 115 -11.30 -34.64 -0.81
N ILE B 116 -12.54 -34.24 -0.50
CA ILE B 116 -13.36 -33.41 -1.39
C ILE B 116 -13.80 -32.13 -0.71
N ALA B 117 -14.21 -31.18 -1.54
CA ALA B 117 -14.95 -30.01 -1.09
C ALA B 117 -16.41 -30.14 -1.49
N VAL B 118 -17.32 -29.87 -0.54
CA VAL B 118 -18.76 -29.80 -0.83
C VAL B 118 -19.22 -28.35 -0.64
N HIS B 119 -20.12 -27.87 -1.51
CA HIS B 119 -20.58 -26.46 -1.53
C HIS B 119 -22.12 -26.30 -1.37
N SER B 120 -22.52 -25.26 -0.64
CA SER B 120 -23.94 -25.03 -0.31
C SER B 120 -24.67 -24.11 -1.29
N GLN B 121 -24.01 -23.03 -1.72
CA GLN B 121 -24.69 -21.91 -2.40
C GLN B 121 -25.81 -21.36 -1.48
N ASP B 122 -25.40 -21.08 -0.24
CA ASP B 122 -26.29 -20.70 0.86
C ASP B 122 -25.43 -20.20 2.02
N VAL B 123 -26.08 -19.57 3.01
CA VAL B 123 -25.42 -19.20 4.27
C VAL B 123 -25.11 -20.42 5.15
N SER B 124 -25.91 -21.48 5.03
CA SER B 124 -25.70 -22.71 5.76
C SER B 124 -24.44 -23.47 5.32
N ILE B 125 -23.79 -24.11 6.28
CA ILE B 125 -22.62 -24.94 6.01
C ILE B 125 -23.13 -26.29 5.51
N PRO B 126 -22.62 -26.75 4.35
CA PRO B 126 -23.04 -28.07 3.84
C PRO B 126 -22.42 -29.21 4.65
N HIS B 127 -23.18 -30.28 4.82
CA HIS B 127 -22.79 -31.37 5.72
C HIS B 127 -21.77 -32.28 5.02
N CYS B 128 -20.79 -32.76 5.78
CA CYS B 128 -19.90 -33.83 5.30
C CYS B 128 -20.72 -35.09 5.13
N PRO B 129 -20.35 -35.95 4.16
CA PRO B 129 -21.07 -37.19 4.01
C PRO B 129 -20.85 -38.15 5.20
N ALA B 130 -21.69 -39.17 5.29
CA ALA B 130 -21.68 -40.07 6.45
C ALA B 130 -20.31 -40.75 6.60
N GLY B 131 -19.75 -40.66 7.80
CA GLY B 131 -18.46 -41.28 8.12
C GLY B 131 -17.23 -40.53 7.64
N TRP B 132 -17.42 -39.33 7.09
CA TRP B 132 -16.31 -38.51 6.60
C TRP B 132 -15.96 -37.48 7.65
N ARG B 133 -14.69 -37.11 7.66
CA ARG B 133 -14.08 -36.37 8.72
C ARG B 133 -13.93 -34.92 8.25
N SER B 134 -14.48 -33.97 9.01
CA SER B 134 -14.41 -32.55 8.67
C SER B 134 -12.98 -32.03 8.90
N LEU B 135 -12.42 -31.37 7.90
CA LEU B 135 -11.06 -30.81 7.98
C LEU B 135 -11.06 -29.30 8.19
N TRP B 136 -11.87 -28.60 7.39
CA TRP B 136 -12.14 -27.19 7.62
C TRP B 136 -13.40 -26.72 6.92
N ILE B 137 -13.89 -25.57 7.39
CA ILE B 137 -15.02 -24.87 6.80
C ILE B 137 -14.56 -23.56 6.15
N GLY B 138 -15.35 -23.05 5.23
CA GLY B 138 -15.02 -21.79 4.56
C GLY B 138 -15.95 -21.33 3.45
N TYR B 139 -15.35 -20.65 2.48
CA TYR B 139 -16.10 -19.91 1.46
C TYR B 139 -15.70 -20.37 0.05
N SER B 140 -16.71 -20.49 -0.81
CA SER B 140 -16.59 -21.12 -2.11
C SER B 140 -15.90 -20.22 -3.15
N PHE B 141 -14.62 -20.51 -3.41
CA PHE B 141 -13.80 -19.77 -4.37
C PHE B 141 -13.54 -20.58 -5.64
N LEU B 142 -13.75 -19.96 -6.80
CA LEU B 142 -13.44 -20.57 -8.11
C LEU B 142 -12.29 -19.84 -8.81
N MET B 143 -11.13 -20.48 -8.90
CA MET B 143 -9.94 -19.89 -9.54
C MET B 143 -10.07 -19.90 -11.07
N SER B 155 -13.24 -28.63 -10.54
CA SER B 155 -12.42 -27.84 -9.62
C SER B 155 -13.18 -27.40 -8.36
N LEU B 156 -14.49 -27.45 -8.38
CA LEU B 156 -15.24 -27.17 -7.18
C LEU B 156 -15.11 -28.33 -6.21
N VAL B 157 -14.76 -29.48 -6.74
CA VAL B 157 -14.59 -30.66 -5.93
C VAL B 157 -13.25 -30.69 -5.23
N SER B 158 -12.35 -29.85 -5.65
CA SER B 158 -11.06 -29.77 -5.01
C SER B 158 -11.15 -29.00 -3.72
N PRO B 159 -10.29 -29.28 -2.75
CA PRO B 159 -10.11 -28.66 -1.44
C PRO B 159 -9.62 -27.24 -1.55
N GLY B 160 -8.96 -26.93 -2.66
CA GLY B 160 -8.48 -25.64 -3.05
C GLY B 160 -9.58 -24.65 -3.31
N SER B 161 -10.80 -25.08 -3.62
CA SER B 161 -11.90 -24.18 -3.85
C SER B 161 -12.60 -23.75 -2.56
N CYS B 162 -12.05 -24.14 -1.44
CA CYS B 162 -12.61 -23.83 -0.13
C CYS B 162 -11.58 -23.11 0.72
N LEU B 163 -11.67 -21.78 0.72
CA LEU B 163 -10.81 -20.91 1.50
C LEU B 163 -11.45 -20.58 2.84
N GLU B 164 -10.64 -20.60 3.89
CA GLU B 164 -11.14 -20.50 5.26
C GLU B 164 -11.80 -19.15 5.52
N ASP B 165 -11.12 -18.07 5.10
CA ASP B 165 -11.63 -16.71 5.21
C ASP B 165 -12.01 -16.13 3.84
N PHE B 166 -13.03 -15.29 3.83
CA PHE B 166 -13.40 -14.51 2.64
C PHE B 166 -12.54 -13.24 2.60
N ARG B 167 -12.24 -12.79 1.39
CA ARG B 167 -11.53 -11.53 1.14
C ARG B 167 -12.09 -10.89 -0.13
N ALA B 168 -12.09 -9.55 -0.16
CA ALA B 168 -12.58 -8.80 -1.32
C ALA B 168 -11.75 -9.14 -2.55
N THR B 169 -10.43 -8.92 -2.43
CA THR B 169 -9.45 -9.25 -3.46
C THR B 169 -8.48 -10.25 -2.85
N PRO B 170 -8.69 -11.56 -3.11
CA PRO B 170 -7.94 -12.57 -2.35
C PRO B 170 -6.44 -12.66 -2.65
N PHE B 171 -5.98 -12.15 -3.80
CA PHE B 171 -4.56 -12.28 -4.17
C PHE B 171 -3.82 -10.96 -4.11
N ILE B 172 -2.51 -11.05 -3.91
CA ILE B 172 -1.62 -9.93 -4.12
C ILE B 172 -0.68 -10.23 -5.30
N GLU B 173 -0.65 -9.30 -6.25
CA GLU B 173 0.31 -9.32 -7.36
C GLU B 173 1.61 -8.64 -6.93
N CYS B 174 2.73 -9.33 -7.15
CA CYS B 174 4.07 -8.75 -7.02
C CYS B 174 4.71 -8.58 -8.40
N ASN B 175 5.32 -7.40 -8.62
CA ASN B 175 6.12 -7.09 -9.80
C ASN B 175 7.60 -7.10 -9.43
N GLY B 176 8.30 -8.18 -9.81
CA GLY B 176 9.73 -8.30 -9.57
C GLY B 176 10.61 -7.27 -10.27
N GLY B 177 10.11 -6.66 -11.35
CA GLY B 177 10.82 -5.59 -12.04
C GLY B 177 10.87 -4.33 -11.20
N ARG B 178 9.69 -3.87 -10.77
CA ARG B 178 9.57 -2.72 -9.90
C ARG B 178 9.98 -2.97 -8.45
N GLY B 179 10.02 -4.24 -8.01
CA GLY B 179 10.27 -4.60 -6.63
C GLY B 179 9.16 -4.22 -5.67
N THR B 180 7.92 -4.15 -6.15
CA THR B 180 6.73 -3.79 -5.34
C THR B 180 5.58 -4.77 -5.48
N CYS B 181 4.68 -4.75 -4.50
CA CYS B 181 3.53 -5.66 -4.43
C CYS B 181 2.24 -4.91 -4.07
N HIS B 182 1.12 -5.35 -4.65
CA HIS B 182 -0.19 -4.75 -4.39
C HIS B 182 -1.29 -5.81 -4.58
N TYR B 183 -2.55 -5.44 -4.39
CA TYR B 183 -3.69 -6.32 -4.66
C TYR B 183 -3.88 -6.49 -6.16
N TYR B 184 -4.37 -7.66 -6.57
CA TYR B 184 -4.64 -7.93 -7.98
C TYR B 184 -5.94 -7.25 -8.43
N SER B 189 -11.45 -15.79 -12.19
CA SER B 189 -11.31 -16.16 -10.78
C SER B 189 -12.27 -15.35 -9.87
N PHE B 190 -13.42 -15.95 -9.54
CA PHE B 190 -14.49 -15.28 -8.76
C PHE B 190 -15.15 -16.22 -7.73
N TRP B 191 -15.76 -15.61 -6.71
CA TRP B 191 -16.45 -16.35 -5.62
C TRP B 191 -17.81 -16.84 -6.08
N LEU B 192 -18.30 -17.89 -5.41
CA LEU B 192 -19.66 -18.37 -5.66
C LEU B 192 -20.65 -17.63 -4.77
N THR B 193 -21.86 -17.46 -5.28
CA THR B 193 -22.93 -16.74 -4.59
C THR B 193 -24.08 -17.67 -4.15
N THR B 194 -24.98 -17.13 -3.33
CA THR B 194 -26.10 -17.86 -2.73
C THR B 194 -27.35 -17.88 -3.62
N LEU B 213 -22.20 -7.27 5.13
CA LEU B 213 -23.35 -7.68 4.32
C LEU B 213 -22.95 -8.53 3.10
N ILE B 214 -21.82 -8.20 2.47
CA ILE B 214 -21.34 -8.95 1.28
C ILE B 214 -21.03 -10.42 1.59
N ARG B 215 -20.39 -10.65 2.74
CA ARG B 215 -20.05 -12.00 3.22
C ARG B 215 -21.28 -12.90 3.44
N THR B 216 -22.44 -12.32 3.73
CA THR B 216 -23.68 -13.10 3.91
C THR B 216 -24.30 -13.61 2.59
N HIS B 217 -23.82 -13.13 1.44
CA HIS B 217 -24.23 -13.61 0.11
C HIS B 217 -23.21 -14.57 -0.56
N ILE B 218 -22.21 -15.01 0.20
CA ILE B 218 -21.20 -15.96 -0.27
C ILE B 218 -21.68 -17.41 -0.04
N SER B 219 -21.35 -18.29 -0.98
CA SER B 219 -21.61 -19.74 -0.85
C SER B 219 -20.62 -20.37 0.11
N ARG B 220 -21.12 -21.20 1.03
CA ARG B 220 -20.26 -21.85 2.03
C ARG B 220 -19.83 -23.24 1.60
N CYS B 221 -18.71 -23.69 2.15
CA CYS B 221 -18.11 -24.95 1.79
C CYS B 221 -17.50 -25.65 3.00
N GLN B 222 -17.36 -26.97 2.87
CA GLN B 222 -16.63 -27.77 3.85
C GLN B 222 -15.69 -28.76 3.14
N VAL B 223 -14.53 -28.99 3.73
CA VAL B 223 -13.57 -29.93 3.18
C VAL B 223 -13.57 -31.18 4.05
N CYS B 224 -13.94 -32.31 3.43
CA CYS B 224 -14.14 -33.58 4.12
C CYS B 224 -13.18 -34.66 3.62
N MET B 225 -12.91 -35.63 4.48
CA MET B 225 -12.00 -36.73 4.17
C MET B 225 -12.54 -38.06 4.68
N LYS B 226 -12.59 -39.06 3.81
CA LYS B 226 -13.21 -40.34 4.14
C LYS B 226 -12.33 -41.09 5.11
N ASN B 227 -12.95 -41.63 6.17
CA ASN B 227 -12.25 -42.44 7.16
C ASN B 227 -11.71 -43.72 6.51
N LEU B 228 -10.51 -43.55 5.92
CA LEU B 228 -9.73 -44.61 5.27
C LEU B 228 -8.26 -44.33 5.59
#